data_1JXL
#
_entry.id   1JXL
#
_cell.length_a   97.120
_cell.length_b   101.880
_cell.length_c   52.450
_cell.angle_alpha   90.00
_cell.angle_beta   90.00
_cell.angle_gamma   90.00
#
_symmetry.space_group_name_H-M   'P 21 21 2'
#
loop_
_entity.id
_entity.type
_entity.pdbx_description
1 polymer "5'-D(*GP*GP*GP*GP*GP*AP*AP*GP*GP*AP*TP*T)-3'"
2 polymer "5'-D(*T*TP*CP*GP*AP*AP*(BRU)P*CP*CP*TP*(BRU)P*CP*CP*CP*CP*C)-3'"
3 polymer 'DNA polymerase IV (family Y)'
4 non-polymer 1,2-ETHANEDIOL
5 non-polymer 'CALCIUM ION'
6 non-polymer 'MAGNESIUM ION'
7 non-polymer "2'-3'-DIDEOXYGUANOSINE-5'-TRIPHOSPHATE"
8 water water
#
loop_
_entity_poly.entity_id
_entity_poly.type
_entity_poly.pdbx_seq_one_letter_code
_entity_poly.pdbx_strand_id
1 'polydeoxyribonucleotide' (DG)(DG)(DG)(DG)(DG)(DA)(DA)(DG)(DG)(DA)(DT)(DT) P
2 'polydeoxyribonucleotide' (DT)(DT)(DC)(DG)(DA)(DA)(BRU)(DC)(DC)(DT)(BRU)(DC)(DC)(DC)(DC)(DC) T
3 'polypeptide(L)'
;MIVLFVDFDYFYAQVEEVLNPSLKGKPVVVCVFSGRFEDSGAVATANYEARKFGVKAGIPIVEAKKILPNAVYLPMRKEV
YQQVSSRIMNLLREYSEKIEIASIDEAYLDISDKVRDYREAYNLGLEIKNKILEKEKITVTVGISKNKVFAKIAADMAKP
NGIKVIDDEEVKRLIRELDIADVPGIGNITAEKLKKLGINKLVDTLSIEFDKLKGMIGEAKAKYLISLARDEYNEPIRTR
VRKSIGRIVTMKRNSRNLEEIKPYLFRAIEESYYKLDKRIPKAIHVVAVTEDLDIVSRGRTFPHGISKETAYSESVKLLQ
KILEEDERKIRRIGVRFSKFIEAIGLDKFFDT
;
A
#
# COMPACT_ATOMS: atom_id res chain seq x y z
N MET C 1 -15.64 -11.60 -17.06
CA MET C 1 -14.22 -11.59 -16.57
C MET C 1 -14.21 -12.15 -15.16
N ILE C 2 -13.26 -13.04 -14.87
CA ILE C 2 -13.15 -13.58 -13.52
C ILE C 2 -11.79 -13.14 -12.93
N VAL C 3 -11.84 -12.46 -11.79
CA VAL C 3 -10.59 -11.98 -11.23
C VAL C 3 -10.29 -12.71 -9.93
N LEU C 4 -9.04 -13.10 -9.75
CA LEU C 4 -8.55 -13.78 -8.54
C LEU C 4 -7.47 -12.87 -7.89
N PHE C 5 -7.81 -12.33 -6.72
CA PHE C 5 -6.98 -11.43 -5.95
C PHE C 5 -6.30 -12.18 -4.78
N VAL C 6 -4.98 -11.97 -4.61
CA VAL C 6 -4.22 -12.59 -3.53
C VAL C 6 -3.62 -11.50 -2.62
N ASP C 7 -3.88 -11.59 -1.33
CA ASP C 7 -3.41 -10.65 -0.34
C ASP C 7 -2.70 -11.44 0.77
N PHE C 8 -1.38 -11.25 0.91
CA PHE C 8 -0.69 -12.05 1.93
C PHE C 8 -1.08 -11.65 3.37
N ASP C 9 -1.40 -12.59 4.24
CA ASP C 9 -1.79 -12.23 5.62
C ASP C 9 -0.71 -11.58 6.51
N TYR C 10 -1.04 -10.42 7.04
N TYR C 10 -1.07 -10.49 7.20
CA TYR C 10 -0.11 -9.77 7.96
CA TYR C 10 -0.16 -9.79 8.10
C TYR C 10 1.32 -9.98 7.58
C TYR C 10 1.32 -9.98 7.63
N PHE C 11 1.53 -9.80 6.31
CA PHE C 11 2.83 -10.04 5.71
C PHE C 11 4.12 -9.87 6.45
N TYR C 12 4.43 -8.65 6.91
CA TYR C 12 5.69 -8.39 7.62
C TYR C 12 5.84 -9.23 8.90
N ALA C 13 4.79 -9.30 9.72
CA ALA C 13 4.82 -10.11 10.96
C ALA C 13 4.92 -11.62 10.61
N GLN C 14 4.16 -12.05 9.61
CA GLN C 14 4.19 -13.47 9.17
C GLN C 14 5.58 -13.87 8.67
N VAL C 15 6.22 -13.01 7.85
CA VAL C 15 7.56 -13.38 7.41
C VAL C 15 8.52 -13.57 8.60
N GLU C 16 8.40 -12.73 9.63
CA GLU C 16 9.27 -12.84 10.78
C GLU C 16 8.98 -14.18 11.50
N GLU C 17 7.72 -14.61 11.45
CA GLU C 17 7.32 -15.89 12.05
C GLU C 17 8.02 -17.01 11.28
N VAL C 18 7.91 -16.97 9.96
CA VAL C 18 8.55 -18.00 9.14
C VAL C 18 10.07 -18.00 9.36
N LEU C 19 10.68 -16.85 9.62
CA LEU C 19 12.13 -16.86 9.84
C LEU C 19 12.55 -17.25 11.32
N ASN C 20 11.60 -17.16 12.26
CA ASN C 20 11.78 -17.49 13.68
C ASN C 20 10.46 -18.15 14.12
N PRO C 21 10.33 -19.45 13.84
CA PRO C 21 9.07 -20.11 14.22
C PRO C 21 8.67 -20.11 15.68
N SER C 22 9.59 -19.82 16.59
CA SER C 22 9.24 -19.79 18.00
C SER C 22 8.30 -18.60 18.32
N LEU C 23 8.22 -17.66 17.38
CA LEU C 23 7.35 -16.48 17.50
C LEU C 23 5.88 -16.85 17.35
N LYS C 24 5.61 -18.01 16.75
N LYS C 24 5.61 -18.01 16.75
CA LYS C 24 4.24 -18.49 16.50
CA LYS C 24 4.25 -18.48 16.51
C LYS C 24 3.36 -18.50 17.74
C LYS C 24 3.35 -18.51 17.73
N GLY C 25 2.16 -17.92 17.62
CA GLY C 25 1.25 -17.90 18.76
C GLY C 25 1.38 -16.64 19.57
N LYS C 26 2.55 -16.02 19.49
CA LYS C 26 2.81 -14.80 20.22
C LYS C 26 2.42 -13.51 19.47
N PRO C 27 1.94 -12.49 20.19
CA PRO C 27 1.60 -11.21 19.51
C PRO C 27 2.95 -10.66 19.01
N VAL C 28 3.07 -10.42 17.70
CA VAL C 28 4.30 -9.90 17.08
C VAL C 28 3.95 -8.57 16.44
N VAL C 29 4.75 -7.55 16.74
CA VAL C 29 4.54 -6.19 16.30
C VAL C 29 5.78 -5.68 15.52
N VAL C 30 5.60 -5.41 14.23
CA VAL C 30 6.74 -4.96 13.41
C VAL C 30 6.73 -3.43 13.45
N CYS C 31 7.83 -2.80 13.87
CA CYS C 31 7.83 -1.36 13.99
C CYS C 31 8.79 -0.54 13.14
N VAL C 32 8.44 0.72 12.93
CA VAL C 32 9.27 1.65 12.20
C VAL C 32 9.72 2.63 13.27
N PHE C 33 10.95 2.44 13.77
CA PHE C 33 11.55 3.30 14.81
C PHE C 33 12.22 4.50 14.10
N SER C 34 11.81 5.72 14.44
CA SER C 34 12.34 6.92 13.78
C SER C 34 13.69 7.49 14.28
N GLY C 35 14.02 7.29 15.56
CA GLY C 35 15.27 7.78 16.10
C GLY C 35 15.17 9.09 16.86
N ARG C 36 13.95 9.48 17.24
CA ARG C 36 13.63 10.76 17.93
C ARG C 36 13.45 10.78 19.47
N PHE C 37 13.15 9.64 20.10
CA PHE C 37 13.03 9.55 21.55
C PHE C 37 12.81 8.09 21.80
N GLU C 38 12.97 7.67 23.05
CA GLU C 38 12.81 6.26 23.37
C GLU C 38 11.45 5.78 22.86
N ASP C 39 11.53 4.84 21.92
CA ASP C 39 10.39 4.25 21.27
C ASP C 39 9.51 5.19 20.44
N SER C 40 10.13 6.15 19.76
CA SER C 40 9.37 7.06 18.88
C SER C 40 9.21 6.27 17.58
N GLY C 41 8.06 6.38 16.94
CA GLY C 41 7.92 5.58 15.75
C GLY C 41 6.53 5.01 15.67
N ALA C 42 6.27 4.29 14.58
CA ALA C 42 4.94 3.73 14.41
C ALA C 42 4.95 2.23 14.20
N VAL C 43 3.79 1.66 14.43
CA VAL C 43 3.62 0.23 14.19
C VAL C 43 3.34 0.11 12.70
N ALA C 44 4.19 -0.65 11.98
CA ALA C 44 4.03 -0.88 10.52
C ALA C 44 2.94 -1.95 10.36
N THR C 45 3.07 -3.06 11.10
CA THR C 45 2.03 -4.07 11.10
C THR C 45 2.09 -5.04 12.30
N ALA C 46 1.03 -5.77 12.60
CA ALA C 46 1.12 -6.66 13.75
C ALA C 46 0.38 -7.94 13.36
N ASN C 47 0.68 -9.08 13.98
CA ASN C 47 -0.12 -10.24 13.60
C ASN C 47 -1.50 -10.19 14.33
N TYR C 48 -2.31 -11.23 14.11
CA TYR C 48 -3.64 -11.31 14.73
C TYR C 48 -3.66 -11.30 16.24
N GLU C 49 -2.77 -12.06 16.86
CA GLU C 49 -2.68 -12.06 18.31
C GLU C 49 -2.56 -10.62 18.81
N ALA C 50 -1.70 -9.82 18.17
CA ALA C 50 -1.55 -8.41 18.57
C ALA C 50 -2.77 -7.53 18.19
N ARG C 51 -3.30 -7.73 16.98
CA ARG C 51 -4.47 -6.95 16.54
C ARG C 51 -5.69 -7.23 17.38
N LYS C 52 -5.85 -8.45 17.87
CA LYS C 52 -6.98 -8.78 18.77
C LYS C 52 -7.10 -7.75 19.93
N PHE C 53 -5.99 -7.19 20.36
CA PHE C 53 -6.02 -6.26 21.48
C PHE C 53 -5.92 -4.78 21.13
N GLY C 54 -5.94 -4.47 19.83
CA GLY C 54 -5.90 -3.07 19.44
C GLY C 54 -4.57 -2.61 18.89
N VAL C 55 -3.59 -3.50 18.85
CA VAL C 55 -2.29 -3.10 18.31
C VAL C 55 -2.38 -3.36 16.81
N LYS C 56 -2.29 -2.27 16.04
CA LYS C 56 -2.42 -2.29 14.59
C LYS C 56 -1.56 -1.20 13.93
N ALA C 57 -1.40 -1.36 12.63
CA ALA C 57 -0.63 -0.41 11.79
C ALA C 57 -1.11 1.02 12.08
N GLY C 58 -0.16 1.93 12.21
CA GLY C 58 -0.51 3.33 12.42
C GLY C 58 -0.39 3.91 13.81
N ILE C 59 -0.57 3.08 14.85
CA ILE C 59 -0.48 3.63 16.18
C ILE C 59 0.94 3.76 16.59
N PRO C 60 1.22 4.71 17.51
CA PRO C 60 2.62 4.86 17.94
C PRO C 60 3.10 3.64 18.73
N ILE C 61 4.38 3.31 18.61
CA ILE C 61 4.94 2.17 19.36
C ILE C 61 4.70 2.33 20.87
N VAL C 62 4.89 3.54 21.37
CA VAL C 62 4.65 3.84 22.77
C VAL C 62 3.22 3.45 23.22
N GLU C 63 2.22 3.68 22.37
CA GLU C 63 0.85 3.28 22.75
C GLU C 63 0.68 1.75 22.67
N ALA C 64 1.28 1.12 21.69
CA ALA C 64 1.21 -0.32 21.57
C ALA C 64 1.81 -0.98 22.83
N LYS C 65 2.87 -0.37 23.38
CA LYS C 65 3.52 -0.94 24.55
C LYS C 65 2.67 -0.83 25.79
N LYS C 66 1.83 0.20 25.85
CA LYS C 66 0.90 0.35 26.95
C LYS C 66 -0.18 -0.75 26.87
N ILE C 67 -0.54 -1.19 25.67
CA ILE C 67 -1.56 -2.20 25.57
C ILE C 67 -0.99 -3.61 25.76
N LEU C 68 0.14 -3.90 25.10
CA LEU C 68 0.80 -5.20 25.16
C LEU C 68 2.30 -5.05 25.43
N PRO C 69 2.66 -4.76 26.71
CA PRO C 69 4.09 -4.59 27.06
C PRO C 69 4.97 -5.80 26.85
N ASN C 70 4.39 -7.00 26.80
CA ASN C 70 5.15 -8.21 26.58
C ASN C 70 5.07 -8.81 25.17
N ALA C 71 4.56 -8.04 24.21
CA ALA C 71 4.49 -8.56 22.85
C ALA C 71 5.93 -8.51 22.31
N VAL C 72 6.21 -9.22 21.23
CA VAL C 72 7.54 -9.15 20.62
C VAL C 72 7.60 -7.97 19.64
N TYR C 73 8.49 -7.02 19.89
CA TYR C 73 8.63 -5.81 19.06
C TYR C 73 9.85 -5.93 18.16
N LEU C 74 9.60 -5.97 16.84
CA LEU C 74 10.66 -6.16 15.89
C LEU C 74 10.79 -4.99 14.94
N PRO C 75 12.03 -4.67 14.56
CA PRO C 75 12.24 -3.54 13.64
C PRO C 75 11.94 -3.96 12.18
N MET C 76 11.40 -3.05 11.38
CA MET C 76 11.13 -3.38 9.95
C MET C 76 12.34 -3.86 9.21
N ARG C 77 12.19 -4.94 8.46
CA ARG C 77 13.30 -5.46 7.60
C ARG C 77 12.66 -5.60 6.21
N LYS C 78 12.33 -4.44 5.65
CA LYS C 78 11.67 -4.37 4.34
C LYS C 78 12.34 -5.16 3.24
N GLU C 79 13.67 -5.08 3.17
CA GLU C 79 14.38 -5.81 2.15
C GLU C 79 14.09 -7.33 2.26
N VAL C 80 14.04 -7.87 3.48
CA VAL C 80 13.76 -9.33 3.61
C VAL C 80 12.35 -9.63 3.15
N TYR C 81 11.39 -8.79 3.56
CA TYR C 81 9.99 -9.04 3.16
C TYR C 81 9.87 -8.88 1.63
N GLN C 82 10.62 -7.93 1.05
CA GLN C 82 10.58 -7.72 -0.40
C GLN C 82 11.10 -8.97 -1.12
N GLN C 83 12.18 -9.59 -0.62
CA GLN C 83 12.65 -10.80 -1.29
C GLN C 83 11.65 -11.97 -1.20
N VAL C 84 11.11 -12.17 -0.01
CA VAL C 84 10.12 -13.24 0.12
C VAL C 84 8.90 -12.92 -0.79
N SER C 85 8.49 -11.65 -0.83
CA SER C 85 7.34 -11.28 -1.69
C SER C 85 7.63 -11.59 -3.18
N SER C 86 8.81 -11.21 -3.65
CA SER C 86 9.13 -11.50 -5.05
C SER C 86 9.06 -13.02 -5.39
N ARG C 87 9.39 -13.86 -4.42
CA ARG C 87 9.29 -15.27 -4.73
C ARG C 87 7.85 -15.69 -4.78
N ILE C 88 6.99 -15.14 -3.93
CA ILE C 88 5.58 -15.56 -4.05
C ILE C 88 4.95 -15.00 -5.36
N MET C 89 5.33 -13.79 -5.78
CA MET C 89 4.75 -13.31 -7.02
C MET C 89 5.20 -14.23 -8.16
N ASN C 90 6.46 -14.69 -8.15
CA ASN C 90 6.89 -15.61 -9.21
C ASN C 90 6.04 -16.89 -9.20
N LEU C 91 5.58 -17.34 -8.02
CA LEU C 91 4.73 -18.52 -8.02
C LEU C 91 3.35 -18.20 -8.64
N LEU C 92 2.85 -16.98 -8.46
CA LEU C 92 1.55 -16.65 -9.02
C LEU C 92 1.54 -16.51 -10.54
N ARG C 93 2.69 -16.20 -11.13
CA ARG C 93 2.74 -16.05 -12.58
C ARG C 93 2.42 -17.38 -13.31
N GLU C 94 2.54 -18.49 -12.60
CA GLU C 94 2.30 -19.79 -13.18
C GLU C 94 0.85 -20.02 -13.44
N TYR C 95 0.01 -19.26 -12.75
CA TYR C 95 -1.43 -19.41 -12.90
C TYR C 95 -2.05 -18.41 -13.89
N SER C 96 -1.27 -17.41 -14.32
CA SER C 96 -1.75 -16.48 -15.33
C SER C 96 -0.68 -15.51 -15.83
N GLU C 97 -0.64 -15.27 -17.15
CA GLU C 97 0.32 -14.32 -17.77
C GLU C 97 -0.21 -12.88 -17.58
N LYS C 98 -1.49 -12.77 -17.26
CA LYS C 98 -2.09 -11.46 -17.00
C LYS C 98 -2.10 -11.37 -15.47
N ILE C 99 -1.11 -10.68 -14.93
CA ILE C 99 -0.97 -10.52 -13.49
C ILE C 99 -0.59 -9.07 -13.12
N GLU C 100 -1.29 -8.51 -12.14
CA GLU C 100 -1.05 -7.15 -11.68
C GLU C 100 -0.53 -7.16 -10.21
N ILE C 101 0.75 -6.84 -10.00
CA ILE C 101 1.32 -6.82 -8.65
C ILE C 101 1.10 -5.41 -8.15
N ALA C 102 0.13 -5.25 -7.28
CA ALA C 102 -0.27 -3.96 -6.77
C ALA C 102 0.60 -3.42 -5.60
N SER C 103 1.22 -4.31 -4.84
CA SER C 103 2.06 -3.85 -3.75
C SER C 103 2.88 -5.07 -3.36
N ILE C 104 3.65 -4.90 -2.30
CA ILE C 104 4.51 -5.96 -1.82
C ILE C 104 3.65 -7.14 -1.36
N ASP C 105 2.39 -6.93 -0.99
CA ASP C 105 1.66 -8.13 -0.58
C ASP C 105 0.32 -8.35 -1.27
N GLU C 106 0.12 -7.80 -2.48
CA GLU C 106 -1.15 -7.93 -3.19
C GLU C 106 -0.96 -8.08 -4.70
N ALA C 107 -1.75 -8.96 -5.30
CA ALA C 107 -1.65 -9.16 -6.73
C ALA C 107 -2.97 -9.61 -7.28
N TYR C 108 -3.30 -9.11 -8.45
CA TYR C 108 -4.55 -9.53 -9.07
C TYR C 108 -4.17 -10.39 -10.24
N LEU C 109 -4.96 -11.44 -10.43
CA LEU C 109 -4.79 -12.33 -11.57
C LEU C 109 -6.05 -12.38 -12.40
N ASP C 110 -5.94 -12.17 -13.70
CA ASP C 110 -7.12 -12.32 -14.56
C ASP C 110 -7.16 -13.81 -14.92
N ILE C 111 -8.08 -14.60 -14.37
CA ILE C 111 -8.11 -16.03 -14.71
C ILE C 111 -9.31 -16.47 -15.59
N SER C 112 -9.84 -15.53 -16.37
CA SER C 112 -10.98 -15.75 -17.26
C SER C 112 -10.72 -16.90 -18.25
N ASP C 113 -9.48 -16.96 -18.75
CA ASP C 113 -9.08 -17.99 -19.71
C ASP C 113 -8.60 -19.26 -19.04
N LYS C 114 -8.66 -19.33 -17.72
CA LYS C 114 -8.20 -20.53 -17.04
C LYS C 114 -9.37 -21.30 -16.41
N VAL C 115 -10.46 -20.60 -16.12
CA VAL C 115 -11.63 -21.24 -15.52
C VAL C 115 -12.91 -20.79 -16.20
N ARG C 116 -13.95 -21.62 -16.09
CA ARG C 116 -15.24 -21.36 -16.73
C ARG C 116 -16.21 -20.66 -15.81
N ASP C 117 -16.21 -21.10 -14.55
CA ASP C 117 -17.11 -20.51 -13.58
C ASP C 117 -16.43 -20.25 -12.21
N TYR C 118 -17.23 -19.78 -11.28
CA TYR C 118 -16.74 -19.50 -9.96
C TYR C 118 -16.39 -20.75 -9.13
N ARG C 119 -17.00 -21.90 -9.47
CA ARG C 119 -16.72 -23.16 -8.75
C ARG C 119 -15.30 -23.62 -9.08
N GLU C 120 -14.92 -23.43 -10.34
CA GLU C 120 -13.59 -23.80 -10.79
C GLU C 120 -12.60 -22.75 -10.32
N ALA C 121 -13.10 -21.51 -10.17
CA ALA C 121 -12.23 -20.43 -9.72
C ALA C 121 -11.90 -20.62 -8.25
N TYR C 122 -12.91 -20.97 -7.48
CA TYR C 122 -12.73 -21.22 -6.06
C TYR C 122 -11.74 -22.35 -5.83
N ASN C 123 -11.73 -23.33 -6.74
CA ASN C 123 -10.79 -24.47 -6.57
C ASN C 123 -9.37 -24.01 -6.91
N LEU C 124 -9.26 -23.19 -7.97
CA LEU C 124 -7.95 -22.67 -8.35
C LEU C 124 -7.37 -21.86 -7.18
N GLY C 125 -8.27 -21.21 -6.44
CA GLY C 125 -7.86 -20.43 -5.29
C GLY C 125 -7.26 -21.29 -4.19
N LEU C 126 -7.89 -22.42 -3.91
CA LEU C 126 -7.38 -23.32 -2.88
C LEU C 126 -6.02 -23.82 -3.32
N GLU C 127 -5.90 -24.08 -4.62
CA GLU C 127 -4.66 -24.58 -5.18
C GLU C 127 -3.48 -23.61 -5.09
N ILE C 128 -3.77 -22.33 -5.25
CA ILE C 128 -2.73 -21.27 -5.16
C ILE C 128 -2.36 -21.14 -3.69
N LYS C 129 -3.36 -21.18 -2.82
N LYS C 129 -3.38 -21.18 -2.86
CA LYS C 129 -3.11 -21.06 -1.38
CA LYS C 129 -3.22 -21.09 -1.44
C LYS C 129 -2.23 -22.22 -0.91
C LYS C 129 -2.28 -22.20 -0.94
N ASN C 130 -2.53 -23.42 -1.41
CA ASN C 130 -1.74 -24.61 -1.03
C ASN C 130 -0.32 -24.50 -1.60
N LYS C 131 -0.25 -24.08 -2.86
CA LYS C 131 1.07 -23.94 -3.45
C LYS C 131 1.96 -22.94 -2.68
N ILE C 132 1.44 -21.78 -2.26
CA ILE C 132 2.24 -20.79 -1.50
C ILE C 132 2.57 -21.30 -0.08
N LEU C 133 1.64 -22.01 0.53
CA LEU C 133 1.89 -22.53 1.88
C LEU C 133 2.99 -23.59 1.81
N GLU C 134 2.94 -24.37 0.74
CA GLU C 134 3.88 -25.45 0.48
C GLU C 134 5.27 -24.93 0.22
N LYS C 135 5.40 -23.98 -0.69
CA LYS C 135 6.69 -23.43 -1.03
C LYS C 135 7.31 -22.43 -0.06
N GLU C 136 6.50 -21.52 0.49
CA GLU C 136 7.07 -20.51 1.38
C GLU C 136 6.51 -20.52 2.80
N LYS C 137 5.53 -21.35 3.07
CA LYS C 137 4.87 -21.45 4.41
C LYS C 137 4.14 -20.15 4.83
N ILE C 138 3.59 -19.45 3.84
CA ILE C 138 2.89 -18.19 4.08
C ILE C 138 1.38 -18.35 3.77
N THR C 139 0.52 -17.99 4.71
CA THR C 139 -0.92 -18.05 4.42
C THR C 139 -1.35 -16.74 3.70
N VAL C 140 -2.27 -16.83 2.75
CA VAL C 140 -2.76 -15.66 2.03
C VAL C 140 -4.28 -15.80 1.95
N THR C 141 -4.97 -14.69 1.66
CA THR C 141 -6.43 -14.70 1.54
C THR C 141 -6.74 -14.43 0.07
N VAL C 142 -7.64 -15.23 -0.49
CA VAL C 142 -8.06 -15.14 -1.88
C VAL C 142 -9.47 -14.54 -2.02
N GLY C 143 -9.60 -13.59 -2.95
CA GLY C 143 -10.88 -12.97 -3.22
C GLY C 143 -11.19 -13.13 -4.70
N ILE C 144 -12.41 -13.59 -5.02
CA ILE C 144 -12.79 -13.78 -6.40
C ILE C 144 -14.10 -13.11 -6.77
N SER C 145 -14.13 -12.49 -7.94
CA SER C 145 -15.34 -11.83 -8.37
C SER C 145 -15.18 -11.44 -9.81
N LYS C 146 -16.06 -10.57 -10.29
CA LYS C 146 -16.07 -10.16 -11.70
C LYS C 146 -15.18 -9.00 -12.08
N ASN C 147 -14.68 -8.25 -11.11
CA ASN C 147 -13.74 -7.15 -11.38
C ASN C 147 -12.77 -7.03 -10.21
N LYS C 148 -11.71 -6.25 -10.41
CA LYS C 148 -10.69 -6.09 -9.36
C LYS C 148 -11.24 -5.55 -8.04
N VAL C 149 -12.15 -4.58 -8.13
CA VAL C 149 -12.68 -3.98 -6.91
C VAL C 149 -13.43 -4.94 -6.00
N PHE C 150 -14.29 -5.77 -6.58
CA PHE C 150 -15.07 -6.72 -5.77
C PHE C 150 -14.23 -7.91 -5.35
N ALA C 151 -13.20 -8.22 -6.13
CA ALA C 151 -12.28 -9.31 -5.76
C ALA C 151 -11.58 -8.92 -4.46
N LYS C 152 -11.19 -7.66 -4.37
CA LYS C 152 -10.47 -7.16 -3.20
C LYS C 152 -11.42 -7.12 -2.02
N ILE C 153 -12.63 -6.67 -2.27
CA ILE C 153 -13.62 -6.60 -1.19
C ILE C 153 -13.86 -7.98 -0.61
N ALA C 154 -13.88 -9.01 -1.46
CA ALA C 154 -14.04 -10.40 -1.00
C ALA C 154 -12.90 -10.83 -0.05
N ALA C 155 -11.68 -10.45 -0.44
CA ALA C 155 -10.51 -10.77 0.34
C ALA C 155 -10.54 -9.99 1.67
N ASP C 156 -11.07 -8.77 1.64
CA ASP C 156 -11.14 -8.01 2.88
C ASP C 156 -12.14 -8.68 3.83
N MET C 157 -13.18 -9.26 3.25
CA MET C 157 -14.21 -9.92 4.06
C MET C 157 -13.74 -11.24 4.65
N ALA C 158 -12.99 -12.00 3.84
CA ALA C 158 -12.51 -13.30 4.24
C ALA C 158 -11.19 -13.37 5.01
N LYS C 159 -10.42 -12.28 5.09
CA LYS C 159 -9.15 -12.41 5.77
C LYS C 159 -9.33 -12.64 7.25
N PRO C 160 -8.39 -13.35 7.89
CA PRO C 160 -7.20 -14.02 7.40
C PRO C 160 -7.41 -15.46 6.96
N ASN C 161 -6.41 -16.00 6.26
CA ASN C 161 -6.40 -17.37 5.75
C ASN C 161 -7.66 -17.83 5.09
N GLY C 162 -8.37 -16.91 4.44
CA GLY C 162 -9.62 -17.25 3.76
C GLY C 162 -9.65 -17.29 2.24
N ILE C 163 -10.83 -17.55 1.69
CA ILE C 163 -11.14 -17.59 0.26
C ILE C 163 -12.66 -17.34 0.06
N LYS C 164 -13.01 -16.28 -0.67
CA LYS C 164 -14.40 -15.90 -0.83
C LYS C 164 -14.75 -15.51 -2.24
N VAL C 165 -15.96 -15.84 -2.67
CA VAL C 165 -16.41 -15.53 -4.02
C VAL C 165 -17.58 -14.59 -3.82
N ILE C 166 -17.61 -13.51 -4.59
CA ILE C 166 -18.73 -12.58 -4.52
C ILE C 166 -19.31 -12.72 -5.92
N ASP C 167 -20.40 -13.49 -6.07
CA ASP C 167 -20.98 -13.71 -7.39
C ASP C 167 -21.78 -12.51 -7.87
N ASP C 168 -22.29 -12.63 -9.10
CA ASP C 168 -23.06 -11.56 -9.71
C ASP C 168 -24.20 -11.11 -8.83
N GLU C 169 -24.89 -12.06 -8.22
N GLU C 169 -24.89 -12.06 -8.22
CA GLU C 169 -26.01 -11.73 -7.36
CA GLU C 169 -26.03 -11.74 -7.34
C GLU C 169 -25.51 -10.99 -6.10
C GLU C 169 -25.52 -10.99 -6.11
N GLU C 170 -24.41 -11.44 -5.53
CA GLU C 170 -23.87 -10.74 -4.34
C GLU C 170 -23.33 -9.34 -4.66
N VAL C 171 -22.78 -9.20 -5.87
CA VAL C 171 -22.27 -7.90 -6.30
C VAL C 171 -23.46 -6.96 -6.29
N LYS C 172 -24.57 -7.40 -6.89
CA LYS C 172 -25.78 -6.55 -6.92
C LYS C 172 -26.28 -6.19 -5.51
N ARG C 173 -26.21 -7.16 -4.61
CA ARG C 173 -26.60 -6.92 -3.22
C ARG C 173 -25.65 -5.87 -2.54
N LEU C 174 -24.35 -6.06 -2.67
CA LEU C 174 -23.39 -5.14 -2.06
C LEU C 174 -23.54 -3.71 -2.58
N ILE C 175 -23.91 -3.60 -3.85
CA ILE C 175 -24.12 -2.29 -4.44
C ILE C 175 -25.19 -1.53 -3.66
N ARG C 176 -26.13 -2.30 -3.10
CA ARG C 176 -27.23 -1.71 -2.32
C ARG C 176 -26.86 -1.68 -0.83
N GLU C 177 -26.27 -2.77 -0.35
CA GLU C 177 -25.95 -2.90 1.06
C GLU C 177 -24.59 -2.47 1.68
N LEU C 178 -23.51 -2.55 0.91
CA LEU C 178 -22.19 -2.21 1.47
C LEU C 178 -21.96 -0.76 1.82
N ASP C 179 -21.50 -0.54 3.05
CA ASP C 179 -21.12 0.81 3.46
C ASP C 179 -20.04 1.23 2.42
N ILE C 180 -20.31 2.33 1.74
CA ILE C 180 -19.45 2.85 0.68
C ILE C 180 -18.03 3.21 1.15
N ALA C 181 -17.87 3.32 2.48
CA ALA C 181 -16.57 3.63 3.05
C ALA C 181 -15.67 2.41 2.91
N ASP C 182 -16.24 1.22 2.75
CA ASP C 182 -15.43 0.01 2.59
C ASP C 182 -15.02 -0.26 1.16
N VAL C 183 -15.33 0.65 0.26
CA VAL C 183 -14.95 0.45 -1.15
C VAL C 183 -13.52 0.97 -1.34
N PRO C 184 -12.64 0.15 -1.93
CA PRO C 184 -11.26 0.60 -2.15
C PRO C 184 -11.16 1.99 -2.73
N GLY C 185 -10.25 2.77 -2.14
CA GLY C 185 -10.01 4.12 -2.59
C GLY C 185 -10.87 5.11 -1.89
N ILE C 186 -11.74 4.64 -1.01
CA ILE C 186 -12.58 5.61 -0.30
C ILE C 186 -12.05 5.64 1.14
N GLY C 187 -11.25 6.66 1.46
CA GLY C 187 -10.71 6.74 2.81
C GLY C 187 -11.55 7.64 3.66
N ASN C 188 -11.05 7.97 4.85
CA ASN C 188 -11.76 8.84 5.78
C ASN C 188 -12.21 10.16 5.18
N ILE C 189 -11.33 10.83 4.48
CA ILE C 189 -11.74 12.08 3.92
C ILE C 189 -12.86 11.99 2.85
N THR C 190 -12.78 10.99 1.97
CA THR C 190 -13.80 10.87 0.97
C THR C 190 -15.11 10.31 1.57
N ALA C 191 -15.00 9.36 2.48
CA ALA C 191 -16.14 8.79 3.18
C ALA C 191 -16.98 9.91 3.88
N GLU C 192 -16.29 10.86 4.52
CA GLU C 192 -16.95 11.96 5.22
C GLU C 192 -17.61 12.91 4.21
N LYS C 193 -16.95 13.19 3.10
CA LYS C 193 -17.57 14.06 2.11
C LYS C 193 -18.81 13.38 1.53
N LEU C 194 -18.82 12.04 1.51
CA LEU C 194 -19.98 11.31 0.99
C LEU C 194 -21.11 11.15 2.06
N LYS C 195 -20.76 11.23 3.34
CA LYS C 195 -21.78 11.09 4.37
C LYS C 195 -22.55 12.40 4.36
N LYS C 196 -21.86 13.45 3.93
CA LYS C 196 -22.42 14.80 3.86
C LYS C 196 -23.34 15.01 2.68
N LEU C 197 -23.09 14.31 1.57
CA LEU C 197 -23.94 14.48 0.41
C LEU C 197 -25.12 13.47 0.57
N GLY C 198 -25.12 12.69 1.64
CA GLY C 198 -26.19 11.74 1.82
C GLY C 198 -25.78 10.33 1.40
N ILE C 199 -24.84 10.21 0.47
CA ILE C 199 -24.39 8.91 0.00
C ILE C 199 -23.71 8.06 1.06
N ASN C 200 -24.25 6.86 1.28
CA ASN C 200 -23.76 5.88 2.26
C ASN C 200 -23.61 4.50 1.62
N LYS C 201 -24.13 4.34 0.40
CA LYS C 201 -24.06 3.04 -0.31
C LYS C 201 -23.79 3.34 -1.79
N LEU C 202 -23.19 2.39 -2.50
CA LEU C 202 -22.91 2.64 -3.92
C LEU C 202 -24.11 3.09 -4.76
N VAL C 203 -25.24 2.40 -4.57
CA VAL C 203 -26.47 2.78 -5.30
C VAL C 203 -26.88 4.26 -5.12
N ASP C 204 -26.55 4.88 -3.99
CA ASP C 204 -26.94 6.26 -3.82
C ASP C 204 -26.28 7.20 -4.82
N THR C 205 -25.16 6.80 -5.44
CA THR C 205 -24.50 7.69 -6.42
C THR C 205 -25.26 7.81 -7.74
N LEU C 206 -26.14 6.85 -8.03
CA LEU C 206 -26.90 6.90 -9.29
C LEU C 206 -28.02 7.96 -9.29
N SER C 207 -28.52 8.32 -8.12
CA SER C 207 -29.61 9.28 -8.04
C SER C 207 -29.22 10.73 -7.77
N ILE C 208 -27.99 10.98 -7.33
CA ILE C 208 -27.52 12.33 -7.05
C ILE C 208 -27.09 13.05 -8.33
N GLU C 209 -27.21 14.36 -8.33
CA GLU C 209 -26.81 15.13 -9.50
C GLU C 209 -25.30 14.86 -9.70
N PHE C 210 -24.84 14.62 -10.93
CA PHE C 210 -23.43 14.32 -11.15
C PHE C 210 -22.47 15.45 -10.82
N ASP C 211 -22.84 16.67 -11.17
CA ASP C 211 -21.95 17.77 -10.86
C ASP C 211 -21.86 18.04 -9.35
N LYS C 212 -22.84 17.61 -8.59
CA LYS C 212 -22.80 17.78 -7.14
C LYS C 212 -21.80 16.78 -6.59
N LEU C 213 -21.84 15.57 -7.14
CA LEU C 213 -20.90 14.53 -6.71
C LEU C 213 -19.49 14.95 -7.14
N LYS C 214 -19.34 15.26 -8.41
CA LYS C 214 -18.05 15.67 -8.96
C LYS C 214 -17.44 16.86 -8.21
N GLY C 215 -18.27 17.83 -7.87
CA GLY C 215 -17.77 19.00 -7.17
C GLY C 215 -17.24 18.70 -5.79
N MET C 216 -17.73 17.64 -5.16
CA MET C 216 -17.27 17.26 -3.85
C MET C 216 -16.09 16.26 -3.79
N ILE C 217 -16.02 15.30 -4.72
CA ILE C 217 -14.93 14.31 -4.63
C ILE C 217 -14.08 14.26 -5.88
N GLY C 218 -14.43 15.09 -6.83
CA GLY C 218 -13.66 15.10 -8.05
C GLY C 218 -14.24 14.15 -9.09
N GLU C 219 -14.01 14.52 -10.35
CA GLU C 219 -14.47 13.79 -11.52
C GLU C 219 -14.12 12.27 -11.62
N ALA C 220 -12.85 11.90 -11.37
CA ALA C 220 -12.42 10.50 -11.46
C ALA C 220 -13.07 9.64 -10.39
N LYS C 221 -13.08 10.12 -9.15
CA LYS C 221 -13.71 9.33 -8.10
C LYS C 221 -15.26 9.26 -8.28
N ALA C 222 -15.86 10.31 -8.83
CA ALA C 222 -17.32 10.25 -9.03
C ALA C 222 -17.59 9.21 -10.14
N LYS C 223 -16.82 9.31 -11.22
CA LYS C 223 -16.99 8.35 -12.33
C LYS C 223 -16.76 6.89 -11.87
N TYR C 224 -15.78 6.72 -11.00
CA TYR C 224 -15.38 5.42 -10.45
C TYR C 224 -16.52 4.79 -9.68
N LEU C 225 -16.99 5.57 -8.69
CA LEU C 225 -18.09 5.11 -7.86
C LEU C 225 -19.35 4.81 -8.70
N ILE C 226 -19.68 5.70 -9.61
CA ILE C 226 -20.86 5.47 -10.45
C ILE C 226 -20.66 4.21 -11.30
N SER C 227 -19.47 4.03 -11.86
CA SER C 227 -19.27 2.86 -12.72
C SER C 227 -19.46 1.60 -11.91
N LEU C 228 -18.99 1.63 -10.66
CA LEU C 228 -19.20 0.48 -9.82
C LEU C 228 -20.68 0.30 -9.50
N ALA C 229 -21.40 1.40 -9.24
CA ALA C 229 -22.83 1.28 -8.87
C ALA C 229 -23.67 0.76 -10.03
N ARG C 230 -23.29 1.16 -11.25
CA ARG C 230 -23.97 0.69 -12.47
C ARG C 230 -23.55 -0.73 -12.84
N ASP C 231 -22.68 -1.33 -12.03
CA ASP C 231 -22.14 -2.68 -12.30
C ASP C 231 -21.45 -2.69 -13.67
N GLU C 232 -20.84 -1.57 -14.04
CA GLU C 232 -20.12 -1.41 -15.30
C GLU C 232 -18.60 -1.10 -15.10
N TYR C 233 -18.05 -1.38 -13.92
CA TYR C 233 -16.63 -1.12 -13.65
C TYR C 233 -15.78 -2.02 -14.52
N ASN C 234 -15.01 -1.39 -15.39
CA ASN C 234 -14.17 -2.09 -16.33
C ASN C 234 -12.74 -1.55 -16.27
N GLU C 235 -11.88 -2.32 -15.59
CA GLU C 235 -10.46 -2.00 -15.50
C GLU C 235 -9.71 -3.33 -15.66
N PRO C 236 -9.00 -3.47 -16.78
CA PRO C 236 -8.23 -4.67 -17.10
C PRO C 236 -7.02 -4.88 -16.18
N ILE C 237 -6.64 -6.14 -15.99
CA ILE C 237 -5.49 -6.42 -15.18
C ILE C 237 -4.30 -6.00 -16.04
N ARG C 238 -3.49 -5.09 -15.53
CA ARG C 238 -2.36 -4.63 -16.30
C ARG C 238 -1.05 -4.84 -15.57
N THR C 239 -0.03 -5.19 -16.33
CA THR C 239 1.31 -5.40 -15.81
C THR C 239 1.77 -4.09 -15.18
N ARG C 240 2.15 -4.08 -13.92
CA ARG C 240 2.59 -2.82 -13.33
C ARG C 240 4.10 -2.71 -13.22
N VAL C 241 4.62 -1.56 -13.60
CA VAL C 241 6.05 -1.25 -13.62
C VAL C 241 6.32 -0.20 -12.55
N ARG C 242 7.36 -0.38 -11.76
CA ARG C 242 7.64 0.62 -10.74
C ARG C 242 7.90 1.95 -11.47
N LYS C 243 7.19 3.00 -11.08
CA LYS C 243 7.32 4.30 -11.72
C LYS C 243 8.18 5.28 -10.91
N SER C 244 8.36 5.05 -9.63
CA SER C 244 9.17 5.95 -8.85
C SER C 244 9.80 5.21 -7.69
N ILE C 245 10.98 5.66 -7.25
CA ILE C 245 11.70 5.06 -6.10
C ILE C 245 12.29 6.19 -5.27
N GLY C 246 12.16 6.11 -3.95
CA GLY C 246 12.68 7.17 -3.12
C GLY C 246 12.80 6.79 -1.67
N ARG C 247 13.27 7.73 -0.85
CA ARG C 247 13.52 7.52 0.57
C ARG C 247 13.38 8.88 1.26
N ILE C 248 12.63 8.89 2.35
CA ILE C 248 12.45 10.10 3.16
C ILE C 248 12.80 9.68 4.59
N VAL C 249 13.63 10.47 5.28
CA VAL C 249 14.01 10.13 6.65
C VAL C 249 13.56 11.21 7.64
N THR C 250 13.40 10.82 8.90
CA THR C 250 13.03 11.79 9.93
C THR C 250 14.35 12.24 10.50
N MET C 251 14.48 13.53 10.78
CA MET C 251 15.73 14.05 11.35
C MET C 251 15.70 13.95 12.87
N LYS C 252 16.87 14.04 13.50
CA LYS C 252 16.92 13.96 14.97
C LYS C 252 16.12 15.12 15.57
N ARG C 253 16.17 16.28 14.91
CA ARG C 253 15.41 17.44 15.37
C ARG C 253 14.97 18.27 14.18
N ASN C 254 13.89 19.00 14.35
CA ASN C 254 13.39 19.84 13.27
C ASN C 254 14.42 20.95 12.97
N SER C 255 14.53 21.36 11.69
CA SER C 255 15.54 22.33 11.29
C SER C 255 15.20 23.09 10.02
N ARG C 256 15.95 24.16 9.78
CA ARG C 256 15.81 25.00 8.60
C ARG C 256 17.24 25.34 8.17
N ASN C 257 18.20 24.82 8.92
CA ASN C 257 19.60 25.05 8.61
C ASN C 257 20.04 24.10 7.48
N LEU C 258 20.41 24.68 6.35
CA LEU C 258 20.82 23.90 5.20
C LEU C 258 21.93 22.91 5.47
N GLU C 259 23.02 23.34 6.09
CA GLU C 259 24.13 22.42 6.35
C GLU C 259 23.77 21.32 7.33
N GLU C 260 22.78 21.56 8.16
CA GLU C 260 22.33 20.58 9.14
C GLU C 260 21.42 19.52 8.45
N ILE C 261 20.58 19.96 7.53
CA ILE C 261 19.70 19.04 6.81
C ILE C 261 20.47 18.20 5.76
N LYS C 262 21.53 18.78 5.22
CA LYS C 262 22.29 18.10 4.19
C LYS C 262 22.68 16.62 4.37
N PRO C 263 23.26 16.25 5.53
CA PRO C 263 23.62 14.83 5.60
C PRO C 263 22.43 13.85 5.50
N TYR C 264 21.26 14.30 5.94
CA TYR C 264 20.09 13.44 5.86
C TYR C 264 19.65 13.31 4.41
N LEU C 265 19.66 14.44 3.71
CA LEU C 265 19.28 14.47 2.30
C LEU C 265 20.19 13.60 1.52
N PHE C 266 21.49 13.67 1.83
CA PHE C 266 22.49 12.88 1.09
C PHE C 266 22.34 11.39 1.38
N ARG C 267 22.03 11.07 2.63
CA ARG C 267 21.81 9.65 2.96
C ARG C 267 20.57 9.11 2.18
N ALA C 268 19.51 9.94 2.13
CA ALA C 268 18.31 9.54 1.42
C ALA C 268 18.65 9.27 -0.07
N ILE C 269 19.57 10.09 -0.60
CA ILE C 269 19.97 9.92 -1.99
C ILE C 269 20.74 8.63 -2.08
N GLU C 270 21.68 8.43 -1.14
CA GLU C 270 22.44 7.17 -1.19
C GLU C 270 21.51 5.95 -1.15
N GLU C 271 20.63 5.89 -0.16
CA GLU C 271 19.71 4.76 -0.09
C GLU C 271 18.83 4.63 -1.36
N SER C 272 18.34 5.76 -1.87
CA SER C 272 17.52 5.74 -3.08
C SER C 272 18.29 5.17 -4.27
N TYR C 273 19.56 5.54 -4.40
CA TYR C 273 20.37 5.05 -5.54
C TYR C 273 20.70 3.56 -5.48
N TYR C 274 20.89 3.05 -4.28
CA TYR C 274 21.15 1.62 -4.06
C TYR C 274 19.88 0.89 -4.51
N LYS C 275 18.71 1.43 -4.15
CA LYS C 275 17.42 0.82 -4.53
C LYS C 275 17.12 0.89 -6.02
N LEU C 276 17.58 1.93 -6.70
CA LEU C 276 17.28 2.04 -8.13
C LEU C 276 17.82 0.86 -8.98
N ASP C 277 18.59 -0.07 -8.38
CA ASP C 277 19.22 -1.21 -9.10
C ASP C 277 18.92 -1.37 -10.58
N LYS C 278 19.81 -0.62 -11.27
CA LYS C 278 20.01 -0.39 -12.69
C LYS C 278 19.10 0.59 -13.44
N ARG C 279 18.00 1.03 -12.81
CA ARG C 279 17.10 2.02 -13.43
C ARG C 279 17.75 3.43 -13.35
N ILE C 280 17.73 4.18 -14.45
CA ILE C 280 18.31 5.50 -14.43
C ILE C 280 17.16 6.51 -14.52
N PRO C 281 16.98 7.35 -13.49
CA PRO C 281 15.89 8.33 -13.54
C PRO C 281 16.23 9.61 -14.33
N LYS C 282 15.20 10.26 -14.91
CA LYS C 282 15.41 11.55 -15.60
C LYS C 282 14.82 12.68 -14.71
N ALA C 283 14.07 12.30 -13.68
CA ALA C 283 13.46 13.33 -12.79
C ALA C 283 13.77 13.09 -11.29
N ILE C 284 13.98 14.17 -10.55
CA ILE C 284 14.26 14.06 -9.13
C ILE C 284 13.38 15.07 -8.41
N HIS C 285 12.84 14.71 -7.25
CA HIS C 285 12.02 15.64 -6.48
C HIS C 285 12.56 15.57 -5.09
N VAL C 286 12.77 16.73 -4.45
CA VAL C 286 13.20 16.74 -3.06
C VAL C 286 11.88 16.91 -2.32
N VAL C 287 11.65 16.07 -1.33
CA VAL C 287 10.39 16.09 -0.58
C VAL C 287 10.69 16.38 0.89
N ALA C 288 10.04 17.39 1.43
CA ALA C 288 10.16 17.76 2.84
C ALA C 288 8.78 17.59 3.53
N VAL C 289 8.82 17.17 4.78
CA VAL C 289 7.59 17.04 5.59
C VAL C 289 7.88 18.06 6.69
N THR C 290 7.01 19.07 6.80
CA THR C 290 7.15 20.17 7.76
C THR C 290 6.77 19.73 9.18
N GLU C 291 7.11 20.55 10.17
CA GLU C 291 6.80 20.20 11.56
C GLU C 291 5.36 19.81 11.81
N ASP C 292 4.42 20.45 11.13
CA ASP C 292 2.99 20.14 11.28
C ASP C 292 2.48 19.08 10.29
N LEU C 293 3.39 18.19 9.93
CA LEU C 293 3.19 17.08 8.98
C LEU C 293 2.68 17.35 7.55
N ASP C 294 2.83 18.58 7.05
CA ASP C 294 2.44 18.92 5.66
C ASP C 294 3.60 18.47 4.72
N ILE C 295 3.31 18.27 3.44
CA ILE C 295 4.35 17.81 2.52
C ILE C 295 4.63 18.89 1.50
N VAL C 296 5.87 19.36 1.44
CA VAL C 296 6.26 20.37 0.46
C VAL C 296 7.26 19.70 -0.49
N SER C 297 7.17 19.98 -1.79
CA SER C 297 8.11 19.31 -2.68
C SER C 297 8.50 20.08 -3.93
N ARG C 298 9.78 19.96 -4.30
CA ARG C 298 10.25 20.64 -5.51
C ARG C 298 11.05 19.64 -6.33
N GLY C 299 10.80 19.66 -7.64
CA GLY C 299 11.49 18.74 -8.49
C GLY C 299 12.00 19.36 -9.78
N ARG C 300 12.70 18.54 -10.54
CA ARG C 300 13.27 18.93 -11.81
C ARG C 300 13.37 17.72 -12.74
N THR C 301 13.05 17.91 -14.01
CA THR C 301 13.10 16.83 -14.98
C THR C 301 14.19 17.19 -15.95
N PHE C 302 15.09 16.26 -16.23
CA PHE C 302 16.18 16.55 -17.18
C PHE C 302 15.95 15.82 -18.48
N PRO C 303 16.52 16.31 -19.59
CA PRO C 303 16.31 15.57 -20.84
C PRO C 303 17.21 14.31 -20.84
N HIS C 304 17.97 14.08 -19.77
CA HIS C 304 18.84 12.90 -19.72
C HIS C 304 18.71 12.30 -18.35
N GLY C 305 19.38 11.14 -18.15
CA GLY C 305 19.43 10.43 -16.90
C GLY C 305 20.25 11.20 -15.87
N ILE C 306 19.89 11.05 -14.59
CA ILE C 306 20.56 11.73 -13.50
C ILE C 306 21.68 10.93 -12.83
N SER C 307 22.91 11.46 -12.81
CA SER C 307 23.98 10.70 -12.18
C SER C 307 23.90 11.04 -10.71
N LYS C 308 24.49 10.19 -9.88
CA LYS C 308 24.42 10.46 -8.45
C LYS C 308 24.94 11.87 -8.12
N GLU C 309 25.99 12.30 -8.83
CA GLU C 309 26.55 13.63 -8.58
C GLU C 309 25.56 14.72 -8.95
N THR C 310 24.87 14.53 -10.07
CA THR C 310 23.85 15.54 -10.45
C THR C 310 22.70 15.43 -9.41
N ALA C 311 22.40 14.21 -8.93
CA ALA C 311 21.35 14.14 -7.88
C ALA C 311 21.77 14.96 -6.61
N TYR C 312 23.04 14.86 -6.22
CA TYR C 312 23.52 15.59 -5.02
C TYR C 312 23.44 17.10 -5.19
N SER C 313 23.95 17.61 -6.31
CA SER C 313 23.87 19.05 -6.47
C SER C 313 22.48 19.56 -6.79
N GLU C 314 21.72 18.84 -7.62
CA GLU C 314 20.37 19.36 -7.88
C GLU C 314 19.48 19.33 -6.65
N SER C 315 19.69 18.34 -5.76
CA SER C 315 18.83 18.23 -4.56
C SER C 315 19.04 19.39 -3.62
N VAL C 316 20.27 19.87 -3.56
CA VAL C 316 20.56 21.04 -2.70
C VAL C 316 19.82 22.23 -3.27
N LYS C 317 19.90 22.41 -4.58
CA LYS C 317 19.19 23.53 -5.18
C LYS C 317 17.69 23.42 -4.89
N LEU C 318 17.14 22.20 -4.97
CA LEU C 318 15.70 22.03 -4.74
C LEU C 318 15.37 22.23 -3.26
N LEU C 319 16.27 21.79 -2.37
CA LEU C 319 16.04 22.01 -0.94
C LEU C 319 16.08 23.51 -0.62
N GLN C 320 17.06 24.22 -1.17
CA GLN C 320 17.15 25.69 -0.99
C GLN C 320 15.83 26.32 -1.42
N LYS C 321 15.32 25.83 -2.53
CA LYS C 321 14.06 26.36 -3.02
C LYS C 321 12.95 26.12 -2.03
N ILE C 322 12.96 24.95 -1.37
CA ILE C 322 11.90 24.69 -0.40
C ILE C 322 12.04 25.68 0.76
N LEU C 323 13.26 25.83 1.29
CA LEU C 323 13.50 26.74 2.40
C LEU C 323 13.06 28.17 2.05
N GLU C 324 13.41 28.63 0.83
CA GLU C 324 13.01 29.96 0.35
C GLU C 324 11.52 30.16 0.27
N GLU C 325 10.81 29.21 -0.34
CA GLU C 325 9.37 29.35 -0.56
C GLU C 325 8.45 28.89 0.56
N ASP C 326 9.01 28.34 1.63
CA ASP C 326 8.19 27.90 2.76
C ASP C 326 8.95 28.25 4.04
N GLU C 327 8.30 28.93 4.99
CA GLU C 327 8.98 29.35 6.23
C GLU C 327 9.00 28.36 7.39
N ARG C 328 8.16 27.35 7.33
CA ARG C 328 8.10 26.35 8.39
C ARG C 328 9.35 25.50 8.57
N LYS C 329 9.55 24.96 9.78
CA LYS C 329 10.70 24.10 10.01
C LYS C 329 10.42 22.72 9.40
N ILE C 330 11.47 22.07 8.94
CA ILE C 330 11.33 20.76 8.34
C ILE C 330 11.64 19.66 9.34
N ARG C 331 10.82 18.62 9.33
CA ARG C 331 10.95 17.48 10.22
C ARG C 331 11.52 16.26 9.48
N ARG C 332 10.99 15.97 8.29
CA ARG C 332 11.47 14.82 7.50
C ARG C 332 11.96 15.34 6.13
N ILE C 333 13.03 14.75 5.60
CA ILE C 333 13.53 15.23 4.33
C ILE C 333 13.91 14.05 3.48
N GLY C 334 13.68 14.15 2.18
CA GLY C 334 14.06 13.03 1.34
C GLY C 334 14.01 13.35 -0.13
N VAL C 335 14.07 12.29 -0.92
CA VAL C 335 14.05 12.43 -2.35
C VAL C 335 13.24 11.36 -3.00
N ARG C 336 12.81 11.65 -4.21
CA ARG C 336 12.05 10.70 -4.96
C ARG C 336 12.59 10.79 -6.41
N PHE C 337 12.82 9.65 -7.06
CA PHE C 337 13.31 9.66 -8.42
C PHE C 337 12.30 9.04 -9.35
N SER C 338 12.14 9.57 -10.57
CA SER C 338 11.15 8.95 -11.49
C SER C 338 11.49 9.16 -12.98
N LYS C 339 10.51 8.90 -13.86
CA LYS C 339 10.73 9.04 -15.29
C LYS C 339 11.97 8.28 -15.74
N PHE C 340 12.00 6.98 -15.41
CA PHE C 340 13.11 6.09 -15.75
C PHE C 340 13.39 5.95 -17.26
N ILE C 341 14.63 5.65 -17.60
CA ILE C 341 14.88 5.46 -19.02
C ILE C 341 14.38 4.05 -19.37
#